data_5TUH
#
_entry.id   5TUH
#
_cell.length_a   83.023
_cell.length_b   100.316
_cell.length_c   62.816
_cell.angle_alpha   90.00
_cell.angle_beta   90.00
_cell.angle_gamma   90.00
#
_symmetry.space_group_name_H-M   'C 2 2 21'
#
loop_
_entity.id
_entity.type
_entity.pdbx_description
1 polymer 'Flagellar biosynthesis protein FlaG'
2 non-polymer GLYCEROL
3 water water
#
_entity_poly.entity_id   1
_entity_poly.type   'polypeptide(L)'
_entity_poly.pdbx_seq_one_letter_code
;MGSSHHHHHHSQDPNSISTTMSSYSIQQSQKMLTQLQIDYATNTSSNTVVAYLHNVGETTISYLQNSVVYFGPNGQLQPV
GYNSGSSPYWTVTSNSLQPGSVVKIIIYLSSPLSSNQYYTIQIVTPNGYTVSYMF
;
_entity_poly.pdbx_strand_id   A,B
#
# COMPACT_ATOMS: atom_id res chain seq x y z
N SER A 29 -3.73 -15.67 -11.96
CA SER A 29 -4.93 -15.87 -11.15
C SER A 29 -4.59 -16.24 -9.71
N GLN A 30 -3.30 -16.10 -9.36
CA GLN A 30 -2.78 -16.61 -8.11
C GLN A 30 -2.85 -15.60 -6.96
N LYS A 31 -3.21 -14.34 -7.23
CA LYS A 31 -3.42 -13.38 -6.15
C LYS A 31 -4.71 -13.65 -5.39
N MET A 32 -5.74 -14.15 -6.09
CA MET A 32 -7.00 -14.48 -5.42
C MET A 32 -6.89 -15.76 -4.59
N LEU A 33 -6.01 -16.69 -4.99
CA LEU A 33 -5.86 -17.97 -4.30
C LEU A 33 -4.99 -17.88 -3.05
N THR A 34 -4.25 -16.78 -2.87
CA THR A 34 -3.33 -16.60 -1.76
C THR A 34 -4.07 -16.06 -0.54
N GLN A 35 -3.57 -16.41 0.65
CA GLN A 35 -4.11 -15.88 1.90
C GLN A 35 -2.95 -15.70 2.88
N LEU A 36 -2.66 -14.47 3.25
CA LEU A 36 -1.62 -14.16 4.22
C LEU A 36 -2.20 -13.23 5.26
N GLN A 37 -1.62 -13.25 6.45
CA GLN A 37 -2.06 -12.28 7.44
C GLN A 37 -0.93 -12.03 8.42
N ILE A 38 -0.91 -10.82 8.93
CA ILE A 38 -0.03 -10.46 10.03
C ILE A 38 -0.79 -10.77 11.31
N ASP A 39 -0.37 -11.81 12.02
CA ASP A 39 -1.11 -12.25 13.21
C ASP A 39 -0.95 -11.26 14.36
N TYR A 40 0.21 -10.63 14.45
CA TYR A 40 0.57 -9.84 15.62
C TYR A 40 1.80 -9.00 15.26
N ALA A 41 1.85 -7.79 15.77
CA ALA A 41 3.03 -6.95 15.60
C ALA A 41 3.13 -6.02 16.79
N THR A 42 4.36 -5.67 17.17
CA THR A 42 4.58 -4.82 18.34
C THR A 42 5.95 -4.17 18.25
N ASN A 43 6.10 -3.03 18.94
CA ASN A 43 7.39 -2.39 19.15
C ASN A 43 8.08 -3.06 20.33
N THR A 44 9.15 -3.81 20.08
CA THR A 44 9.73 -4.66 21.12
C THR A 44 10.71 -3.93 22.03
N SER A 45 11.58 -3.10 21.46
CA SER A 45 12.58 -2.38 22.23
C SER A 45 13.24 -1.38 21.32
N SER A 46 13.76 -0.30 21.90
CA SER A 46 14.28 0.82 21.11
C SER A 46 13.22 1.19 20.08
N ASN A 47 13.58 1.29 18.81
CA ASN A 47 12.68 1.69 17.74
C ASN A 47 12.59 0.54 16.75
N THR A 48 12.39 -0.65 17.28
CA THR A 48 12.31 -1.88 16.51
C THR A 48 10.88 -2.40 16.59
N VAL A 49 10.33 -2.80 15.46
CA VAL A 49 9.00 -3.38 15.38
C VAL A 49 9.13 -4.80 14.84
N VAL A 50 8.46 -5.75 15.48
CA VAL A 50 8.47 -7.14 15.03
C VAL A 50 7.05 -7.49 14.59
N ALA A 51 6.93 -8.12 13.43
CA ALA A 51 5.64 -8.55 12.89
C ALA A 51 5.73 -10.02 12.49
N TYR A 52 4.66 -10.76 12.77
CA TYR A 52 4.61 -12.19 12.52
C TYR A 52 3.71 -12.42 11.32
N LEU A 53 4.31 -12.82 10.19
CA LEU A 53 3.61 -12.97 8.92
C LEU A 53 3.29 -14.44 8.71
N HIS A 54 2.03 -14.75 8.51
CA HIS A 54 1.52 -16.12 8.63
C HIS A 54 0.84 -16.48 7.32
N ASN A 55 1.31 -17.56 6.67
CA ASN A 55 0.69 -18.01 5.43
C ASN A 55 -0.46 -18.92 5.82
N VAL A 56 -1.69 -18.43 5.66
CA VAL A 56 -2.88 -19.16 6.06
C VAL A 56 -3.65 -19.65 4.84
N GLY A 57 -2.98 -19.74 3.68
CA GLY A 57 -3.63 -20.17 2.47
C GLY A 57 -3.00 -21.45 1.97
N GLU A 58 -3.18 -21.76 0.69
CA GLU A 58 -2.73 -23.01 0.13
C GLU A 58 -1.63 -22.84 -0.92
N THR A 59 -1.09 -21.64 -1.09
CA THR A 59 -0.03 -21.38 -2.06
C THR A 59 1.27 -20.97 -1.37
N THR A 60 2.40 -21.38 -1.95
CA THR A 60 3.70 -20.99 -1.46
C THR A 60 3.99 -19.52 -1.82
N ILE A 61 4.57 -18.78 -0.89
CA ILE A 61 5.00 -17.41 -1.16
C ILE A 61 6.49 -17.45 -1.49
N SER A 62 6.85 -17.12 -2.72
CA SER A 62 8.23 -17.16 -3.20
C SER A 62 8.92 -15.81 -3.00
N TYR A 63 10.25 -15.87 -2.90
CA TYR A 63 11.12 -14.68 -2.91
C TYR A 63 10.70 -13.66 -1.85
N LEU A 64 10.51 -14.16 -0.63
CA LEU A 64 9.97 -13.31 0.43
C LEU A 64 10.83 -12.06 0.63
N GLN A 65 12.15 -12.19 0.46
CA GLN A 65 13.03 -11.04 0.70
C GLN A 65 12.92 -10.00 -0.40
N ASN A 66 12.20 -10.29 -1.48
CA ASN A 66 11.95 -9.31 -2.53
C ASN A 66 10.63 -8.58 -2.33
N SER A 67 9.95 -8.80 -1.20
CA SER A 67 8.72 -8.10 -0.89
C SER A 67 8.96 -6.61 -0.72
N VAL A 68 7.88 -5.84 -0.77
CA VAL A 68 7.93 -4.39 -0.55
C VAL A 68 7.23 -4.11 0.76
N VAL A 69 7.86 -3.29 1.61
CA VAL A 69 7.31 -2.96 2.93
C VAL A 69 7.17 -1.45 3.04
N TYR A 70 6.03 -0.99 3.56
CA TYR A 70 5.80 0.40 3.94
C TYR A 70 5.41 0.47 5.42
N PHE A 71 5.75 1.59 6.07
CA PHE A 71 5.43 1.73 7.49
C PHE A 71 5.28 3.20 7.83
N GLY A 72 4.30 3.52 8.66
CA GLY A 72 4.24 4.87 9.18
C GLY A 72 2.97 5.21 9.90
N PRO A 73 2.92 6.42 10.46
CA PRO A 73 1.80 6.86 11.29
C PRO A 73 0.75 7.63 10.50
N ASN A 74 -0.48 7.58 11.03
CA ASN A 74 -1.56 8.46 10.57
C ASN A 74 -1.77 8.43 9.06
N GLY A 75 -1.64 7.24 8.48
CA GLY A 75 -1.92 7.08 7.06
C GLY A 75 -0.84 7.60 6.12
N GLN A 76 0.30 8.04 6.65
CA GLN A 76 1.40 8.53 5.83
CA GLN A 76 1.41 8.55 5.84
C GLN A 76 2.57 7.57 6.01
N LEU A 77 2.74 6.68 5.04
CA LEU A 77 3.71 5.61 5.14
C LEU A 77 5.04 5.99 4.50
N GLN A 78 6.11 5.34 4.97
CA GLN A 78 7.43 5.46 4.33
C GLN A 78 7.84 4.11 3.76
N PRO A 79 8.50 4.08 2.60
CA PRO A 79 9.07 2.81 2.13
C PRO A 79 10.14 2.34 3.10
N VAL A 80 10.20 1.03 3.29
CA VAL A 80 11.17 0.40 4.18
C VAL A 80 12.01 -0.53 3.31
N GLY A 81 13.31 -0.23 3.17
CA GLY A 81 14.17 -1.04 2.31
C GLY A 81 14.59 -2.35 2.95
N TYR A 82 14.73 -3.39 2.13
CA TYR A 82 15.17 -4.69 2.65
C TYR A 82 16.65 -4.64 2.97
N ASN A 83 16.99 -4.78 4.26
CA ASN A 83 18.37 -4.96 4.71
C ASN A 83 19.30 -3.96 4.03
N SER A 84 18.87 -2.71 3.98
CA SER A 84 19.44 -1.70 3.09
C SER A 84 20.59 -0.92 3.69
N GLY A 85 20.92 -1.13 4.96
CA GLY A 85 22.00 -0.38 5.59
C GLY A 85 21.62 0.92 6.25
N SER A 86 20.38 1.39 6.08
CA SER A 86 19.96 2.66 6.63
C SER A 86 18.48 2.58 7.01
N SER A 87 18.14 3.10 8.20
CA SER A 87 16.76 3.03 8.71
C SER A 87 15.82 4.04 8.06
N PRO A 88 14.54 3.65 7.84
CA PRO A 88 13.96 2.35 8.18
C PRO A 88 14.30 1.23 7.19
N TYR A 89 14.61 0.05 7.73
CA TYR A 89 14.87 -1.12 6.90
C TYR A 89 14.29 -2.33 7.62
N TRP A 90 14.18 -3.45 6.90
CA TRP A 90 13.59 -4.64 7.48
C TRP A 90 14.43 -5.86 7.13
N THR A 91 14.31 -6.89 7.97
CA THR A 91 15.01 -8.16 7.77
C THR A 91 14.04 -9.32 7.98
N VAL A 92 14.37 -10.44 7.36
CA VAL A 92 13.67 -11.71 7.57
C VAL A 92 14.66 -12.81 7.22
N THR A 93 14.61 -13.92 7.94
CA THR A 93 15.58 -14.99 7.71
C THR A 93 15.17 -15.94 6.58
N SER A 94 13.88 -16.14 6.33
CA SER A 94 13.43 -17.03 5.27
C SER A 94 13.25 -16.27 3.95
N ASN A 95 13.44 -16.98 2.84
CA ASN A 95 13.16 -16.40 1.54
C ASN A 95 11.94 -17.05 0.87
N SER A 96 11.17 -17.83 1.62
CA SER A 96 9.90 -18.34 1.12
C SER A 96 9.00 -18.64 2.29
N LEU A 97 7.70 -18.65 2.02
CA LEU A 97 6.69 -18.89 3.06
C LEU A 97 5.76 -19.99 2.57
N GLN A 98 5.94 -21.21 3.08
CA GLN A 98 5.08 -22.32 2.71
C GLN A 98 3.73 -22.20 3.39
N PRO A 99 2.68 -22.81 2.83
CA PRO A 99 1.37 -22.81 3.50
C PRO A 99 1.49 -23.30 4.93
N GLY A 100 0.91 -22.54 5.86
CA GLY A 100 0.97 -22.86 7.27
C GLY A 100 2.11 -22.23 8.04
N SER A 101 3.14 -21.74 7.36
CA SER A 101 4.30 -21.24 8.05
C SER A 101 4.08 -19.81 8.54
N VAL A 102 4.89 -19.41 9.53
CA VAL A 102 4.91 -18.05 10.04
C VAL A 102 6.38 -17.65 10.13
N VAL A 103 6.68 -16.38 9.83
CA VAL A 103 8.03 -15.87 9.90
C VAL A 103 8.01 -14.55 10.67
N LYS A 104 9.14 -14.26 11.32
CA LYS A 104 9.30 -13.00 12.02
C LYS A 104 9.94 -11.98 11.09
N ILE A 105 9.25 -10.87 10.86
CA ILE A 105 9.80 -9.73 10.13
C ILE A 105 10.19 -8.68 11.15
N ILE A 106 11.42 -8.16 11.04
CA ILE A 106 11.90 -7.13 11.96
C ILE A 106 12.05 -5.83 11.20
N ILE A 107 11.49 -4.75 11.74
CA ILE A 107 11.57 -3.43 11.12
C ILE A 107 12.35 -2.51 12.04
N TYR A 108 13.45 -1.96 11.53
CA TYR A 108 14.26 -1.02 12.29
C TYR A 108 13.85 0.40 11.91
N LEU A 109 13.23 1.11 12.84
CA LEU A 109 12.68 2.42 12.53
C LEU A 109 13.72 3.51 12.76
N SER A 110 13.54 4.63 12.07
CA SER A 110 14.37 5.80 12.28
C SER A 110 13.83 6.73 13.36
N SER A 111 12.52 6.70 13.61
CA SER A 111 11.92 7.54 14.62
C SER A 111 11.21 6.70 15.67
N PRO A 112 11.25 7.11 16.94
CA PRO A 112 10.52 6.37 17.97
C PRO A 112 9.03 6.48 17.74
N LEU A 113 8.31 5.46 18.18
CA LEU A 113 6.85 5.43 18.03
C LEU A 113 6.22 6.35 19.08
N SER A 114 5.16 7.04 18.69
CA SER A 114 4.39 7.83 19.65
C SER A 114 3.16 7.05 20.08
N SER A 115 2.85 7.12 21.38
CA SER A 115 1.67 6.45 21.89
C SER A 115 0.38 7.15 21.46
N ASN A 116 0.49 8.35 20.88
CA ASN A 116 -0.68 9.11 20.49
C ASN A 116 -0.86 9.13 18.97
N GLN A 117 -0.31 8.14 18.27
CA GLN A 117 -0.51 7.94 16.85
C GLN A 117 -0.75 6.47 16.59
N TYR A 118 -1.49 6.18 15.52
CA TYR A 118 -1.64 4.80 15.05
C TYR A 118 -0.68 4.57 13.89
N TYR A 119 -0.15 3.35 13.80
CA TYR A 119 0.86 3.01 12.82
C TYR A 119 0.36 1.87 11.95
N THR A 120 0.76 1.87 10.67
CA THR A 120 0.35 0.84 9.73
C THR A 120 1.58 0.17 9.15
N ILE A 121 1.57 -1.17 9.11
CA ILE A 121 2.50 -1.95 8.32
C ILE A 121 1.79 -2.36 7.04
N GLN A 122 2.42 -2.14 5.90
CA GLN A 122 1.86 -2.58 4.64
C GLN A 122 2.91 -3.36 3.88
N ILE A 123 2.58 -4.58 3.46
CA ILE A 123 3.49 -5.45 2.73
C ILE A 123 2.85 -5.82 1.41
N VAL A 124 3.64 -5.80 0.34
CA VAL A 124 3.25 -6.34 -0.96
C VAL A 124 4.23 -7.46 -1.27
N THR A 125 3.75 -8.69 -1.30
CA THR A 125 4.63 -9.82 -1.54
C THR A 125 4.83 -9.94 -3.05
N PRO A 126 5.83 -10.72 -3.49
CA PRO A 126 6.13 -10.74 -4.93
C PRO A 126 4.91 -10.99 -5.80
N ASN A 127 4.11 -12.02 -5.53
CA ASN A 127 2.97 -12.29 -6.40
C ASN A 127 1.93 -11.17 -6.43
N GLY A 128 2.18 -10.07 -5.73
CA GLY A 128 1.26 -8.93 -5.74
C GLY A 128 0.19 -8.93 -4.65
N TYR A 129 0.16 -9.96 -3.80
CA TYR A 129 -0.72 -9.95 -2.64
C TYR A 129 -0.31 -8.87 -1.64
N THR A 130 -1.29 -8.19 -1.05
CA THR A 130 -1.03 -7.11 -0.10
C THR A 130 -1.60 -7.47 1.26
N VAL A 131 -0.85 -7.19 2.32
CA VAL A 131 -1.32 -7.50 3.66
C VAL A 131 -0.91 -6.36 4.59
N SER A 132 -1.82 -5.99 5.51
CA SER A 132 -1.56 -4.84 6.37
C SER A 132 -1.94 -5.16 7.81
N TYR A 133 -1.49 -4.28 8.71
CA TYR A 133 -1.74 -4.44 10.13
C TYR A 133 -1.57 -3.06 10.75
N MET A 134 -2.48 -2.70 11.65
CA MET A 134 -2.43 -1.42 12.34
C MET A 134 -2.33 -1.65 13.83
N PHE A 135 -1.57 -0.80 14.53
CA PHE A 135 -1.46 -0.92 15.97
C PHE A 135 -1.02 0.40 16.63
N LEU B 33 10.66 21.20 -7.48
CA LEU B 33 10.35 20.15 -8.43
C LEU B 33 9.41 19.11 -7.80
N THR B 34 8.24 18.92 -8.40
CA THR B 34 7.25 17.96 -7.93
C THR B 34 7.39 16.67 -8.72
N GLN B 35 7.38 15.54 -8.02
CA GLN B 35 7.50 14.24 -8.69
C GLN B 35 6.74 13.21 -7.88
N LEU B 36 5.73 12.60 -8.50
CA LEU B 36 4.92 11.57 -7.88
C LEU B 36 4.91 10.35 -8.77
N GLN B 37 4.55 9.21 -8.18
CA GLN B 37 4.38 8.00 -8.96
C GLN B 37 3.40 7.09 -8.23
N ILE B 38 2.70 6.25 -8.98
CA ILE B 38 1.89 5.20 -8.39
C ILE B 38 2.78 3.96 -8.33
N ASP B 39 3.20 3.59 -7.12
CA ASP B 39 4.07 2.43 -6.94
C ASP B 39 3.41 1.17 -7.47
N TYR B 40 2.12 1.02 -7.19
CA TYR B 40 1.40 -0.23 -7.39
C TYR B 40 -0.08 0.08 -7.26
N ALA B 41 -0.89 -0.63 -8.03
CA ALA B 41 -2.33 -0.57 -7.89
C ALA B 41 -2.87 -1.91 -8.32
N THR B 42 -3.97 -2.33 -7.68
CA THR B 42 -4.53 -3.65 -7.93
C THR B 42 -5.96 -3.66 -7.40
N ASN B 43 -6.78 -4.54 -7.96
CA ASN B 43 -8.08 -4.83 -7.38
C ASN B 43 -7.87 -5.90 -6.31
N THR B 44 -8.31 -5.60 -5.09
CA THR B 44 -8.10 -6.50 -3.96
C THR B 44 -9.28 -7.43 -3.76
N SER B 45 -10.48 -6.87 -3.64
CA SER B 45 -11.70 -7.66 -3.60
C SER B 45 -12.37 -7.58 -4.97
N SER B 46 -13.59 -8.11 -5.05
CA SER B 46 -14.39 -7.94 -6.26
C SER B 46 -14.67 -6.46 -6.54
N ASN B 47 -14.84 -5.66 -5.47
CA ASN B 47 -15.31 -4.30 -5.61
C ASN B 47 -14.42 -3.30 -4.88
N THR B 48 -13.11 -3.57 -4.78
CA THR B 48 -12.18 -2.60 -4.19
C THR B 48 -10.92 -2.52 -5.03
N VAL B 49 -10.48 -1.29 -5.32
CA VAL B 49 -9.20 -1.02 -5.98
C VAL B 49 -8.35 -0.18 -5.03
N VAL B 50 -7.06 -0.51 -4.91
CA VAL B 50 -6.12 0.22 -4.06
CA VAL B 50 -6.12 0.22 -4.06
C VAL B 50 -4.96 0.70 -4.91
N ALA B 51 -4.50 1.93 -4.67
CA ALA B 51 -3.32 2.46 -5.35
C ALA B 51 -2.40 3.08 -4.32
N TYR B 52 -1.10 2.87 -4.48
CA TYR B 52 -0.10 3.43 -3.57
C TYR B 52 0.57 4.61 -4.25
N LEU B 53 0.28 5.82 -3.75
CA LEU B 53 0.77 7.05 -4.34
C LEU B 53 1.99 7.52 -3.56
N HIS B 54 3.12 7.65 -4.26
CA HIS B 54 4.43 7.83 -3.65
C HIS B 54 5.03 9.15 -4.10
N ASN B 55 5.41 9.99 -3.15
CA ASN B 55 6.03 11.28 -3.44
C ASN B 55 7.54 11.07 -3.49
N VAL B 56 8.13 11.15 -4.69
CA VAL B 56 9.57 10.99 -4.83
C VAL B 56 10.26 12.31 -5.15
N GLY B 57 9.56 13.44 -4.99
CA GLY B 57 10.11 14.74 -5.27
C GLY B 57 10.49 15.51 -4.02
N GLU B 58 10.62 16.82 -4.17
CA GLU B 58 11.07 17.65 -3.06
C GLU B 58 9.95 18.46 -2.43
N THR B 59 8.78 18.49 -3.05
CA THR B 59 7.67 19.29 -2.55
C THR B 59 6.66 18.41 -1.82
N THR B 60 5.90 19.05 -0.94
CA THR B 60 4.78 18.43 -0.28
C THR B 60 3.50 18.69 -1.07
N ILE B 61 2.67 17.67 -1.23
CA ILE B 61 1.36 17.84 -1.84
C ILE B 61 0.34 18.03 -0.72
N SER B 62 -0.26 19.21 -0.66
CA SER B 62 -1.34 19.49 0.29
C SER B 62 -2.70 19.31 -0.39
N TYR B 63 -3.73 19.17 0.44
CA TYR B 63 -5.12 19.11 -0.03
C TYR B 63 -5.32 17.97 -1.03
N LEU B 64 -4.68 16.84 -0.75
CA LEU B 64 -4.76 15.68 -1.62
C LEU B 64 -6.20 15.24 -1.84
N GLN B 65 -7.07 15.44 -0.85
CA GLN B 65 -8.49 15.11 -1.04
C GLN B 65 -9.17 15.99 -2.09
N ASN B 66 -8.53 17.07 -2.54
CA ASN B 66 -9.07 17.89 -3.64
C ASN B 66 -8.61 17.38 -5.01
N SER B 67 -7.87 16.28 -5.05
CA SER B 67 -7.47 15.70 -6.33
C SER B 67 -8.69 15.22 -7.13
N VAL B 68 -8.47 14.98 -8.41
CA VAL B 68 -9.45 14.33 -9.26
C VAL B 68 -8.91 12.94 -9.61
N VAL B 69 -9.72 11.92 -9.36
CA VAL B 69 -9.35 10.53 -9.64
C VAL B 69 -10.24 10.04 -10.78
N TYR B 70 -9.61 9.51 -11.83
CA TYR B 70 -10.32 8.90 -12.94
C TYR B 70 -10.09 7.40 -12.93
N PHE B 71 -11.12 6.64 -13.29
CA PHE B 71 -11.00 5.19 -13.29
C PHE B 71 -11.96 4.60 -14.32
N GLY B 72 -11.53 3.51 -14.94
CA GLY B 72 -12.42 2.73 -15.77
C GLY B 72 -11.69 1.75 -16.66
N PRO B 73 -12.46 0.96 -17.43
CA PRO B 73 -11.82 0.13 -18.45
C PRO B 73 -11.17 1.02 -19.49
N ASN B 74 -10.12 0.51 -20.13
CA ASN B 74 -9.27 1.37 -20.94
C ASN B 74 -10.06 2.02 -22.06
N GLY B 75 -9.91 3.34 -22.19
CA GLY B 75 -10.64 4.10 -23.17
C GLY B 75 -11.96 4.64 -22.68
N GLN B 76 -12.33 4.34 -21.44
CA GLN B 76 -13.61 4.74 -20.88
C GLN B 76 -13.41 5.08 -19.41
N LEU B 77 -12.50 6.02 -19.12
CA LEU B 77 -12.33 6.47 -17.74
C LEU B 77 -13.35 7.55 -17.43
N GLN B 78 -13.70 7.68 -16.16
CA GLN B 78 -14.50 8.81 -15.73
C GLN B 78 -14.14 9.17 -14.30
N PRO B 79 -14.40 10.40 -13.88
CA PRO B 79 -14.01 10.82 -12.53
C PRO B 79 -14.85 10.11 -11.49
N VAL B 80 -14.21 9.88 -10.34
CA VAL B 80 -14.79 9.16 -9.22
C VAL B 80 -14.96 10.16 -8.10
N GLY B 81 -16.14 10.15 -7.46
CA GLY B 81 -16.42 11.14 -6.42
C GLY B 81 -15.66 10.81 -5.14
N TYR B 82 -15.23 11.86 -4.44
CA TYR B 82 -14.45 11.71 -3.22
C TYR B 82 -15.33 11.47 -2.00
N ASN B 83 -15.12 10.33 -1.34
CA ASN B 83 -15.58 10.13 0.04
C ASN B 83 -17.08 10.37 0.20
N SER B 84 -17.88 9.95 -0.78
CA SER B 84 -19.31 9.92 -0.52
C SER B 84 -19.61 8.62 0.21
N GLY B 85 -20.79 8.07 -0.01
CA GLY B 85 -21.06 6.71 0.40
C GLY B 85 -21.66 5.99 -0.77
N SER B 86 -21.83 6.74 -1.86
CA SER B 86 -22.49 6.26 -3.07
C SER B 86 -21.42 5.83 -4.05
N SER B 87 -21.31 4.51 -4.25
CA SER B 87 -20.36 3.93 -5.18
C SER B 87 -20.62 4.39 -6.61
N PRO B 88 -19.55 4.58 -7.40
CA PRO B 88 -18.16 4.48 -6.93
C PRO B 88 -17.67 5.73 -6.19
N TYR B 89 -16.78 5.57 -5.23
CA TYR B 89 -16.17 6.71 -4.55
C TYR B 89 -14.79 6.31 -4.07
N TRP B 90 -13.98 7.30 -3.75
CA TRP B 90 -12.62 7.03 -3.30
C TRP B 90 -12.30 7.75 -2.00
N THR B 91 -11.29 7.21 -1.31
CA THR B 91 -10.76 7.77 -0.07
C THR B 91 -9.24 7.73 -0.14
N VAL B 92 -8.60 8.52 0.72
CA VAL B 92 -7.14 8.52 0.82
C VAL B 92 -6.75 8.55 2.29
N THR B 93 -5.68 7.83 2.65
CA THR B 93 -5.31 7.65 4.05
C THR B 93 -4.79 8.92 4.71
N SER B 94 -4.39 9.91 3.92
CA SER B 94 -3.94 11.18 4.45
C SER B 94 -4.17 12.28 3.43
N ASN B 95 -4.40 13.50 3.92
CA ASN B 95 -4.68 14.64 3.06
C ASN B 95 -3.42 15.41 2.68
N SER B 96 -2.25 15.02 3.18
CA SER B 96 -1.00 15.60 2.71
C SER B 96 -0.01 14.49 2.40
N LEU B 97 0.88 14.76 1.45
CA LEU B 97 1.87 13.78 0.99
C LEU B 97 3.23 14.48 1.00
N GLN B 98 4.03 14.19 2.02
CA GLN B 98 5.34 14.79 2.16
C GLN B 98 6.37 14.05 1.31
N PRO B 99 7.53 14.66 1.05
CA PRO B 99 8.56 13.98 0.26
C PRO B 99 8.96 12.66 0.90
N GLY B 100 9.06 11.62 0.08
CA GLY B 100 9.42 10.31 0.55
C GLY B 100 8.29 9.51 1.16
N SER B 101 7.08 10.05 1.21
CA SER B 101 5.96 9.36 1.83
C SER B 101 5.06 8.72 0.81
N VAL B 102 4.19 7.86 1.30
CA VAL B 102 3.27 7.07 0.48
C VAL B 102 1.91 7.12 1.14
N VAL B 103 0.86 7.32 0.35
CA VAL B 103 -0.49 7.23 0.86
C VAL B 103 -1.25 6.21 0.05
N LYS B 104 -2.28 5.65 0.68
CA LYS B 104 -3.09 4.61 0.08
C LYS B 104 -4.43 5.20 -0.36
N ILE B 105 -4.70 5.11 -1.65
CA ILE B 105 -5.98 5.52 -2.22
C ILE B 105 -6.80 4.27 -2.45
N ILE B 106 -8.07 4.29 -2.04
CA ILE B 106 -8.95 3.15 -2.19
C ILE B 106 -10.17 3.59 -2.98
N ILE B 107 -10.53 2.83 -4.00
CA ILE B 107 -11.75 3.07 -4.77
C ILE B 107 -12.74 1.96 -4.43
N TYR B 108 -13.93 2.34 -3.97
CA TYR B 108 -14.99 1.40 -3.64
C TYR B 108 -15.94 1.33 -4.82
N LEU B 109 -15.95 0.19 -5.52
CA LEU B 109 -16.70 0.02 -6.75
C LEU B 109 -18.12 -0.48 -6.47
N SER B 110 -19.03 -0.16 -7.39
CA SER B 110 -20.40 -0.63 -7.26
C SER B 110 -20.57 -2.02 -7.86
N SER B 111 -19.94 -2.28 -9.00
CA SER B 111 -19.96 -3.57 -9.66
C SER B 111 -18.55 -4.14 -9.79
N PRO B 112 -18.39 -5.46 -9.78
CA PRO B 112 -17.05 -6.05 -9.81
C PRO B 112 -16.37 -5.82 -11.15
N LEU B 113 -15.05 -5.94 -11.13
CA LEU B 113 -14.23 -5.79 -12.34
C LEU B 113 -14.18 -7.12 -13.09
N SER B 114 -13.94 -7.03 -14.40
CA SER B 114 -13.81 -8.21 -15.25
C SER B 114 -12.35 -8.60 -15.38
N SER B 115 -12.09 -9.90 -15.26
CA SER B 115 -10.73 -10.40 -15.46
C SER B 115 -10.29 -10.35 -16.91
N ASN B 116 -11.19 -10.00 -17.84
CA ASN B 116 -10.87 -9.92 -19.26
C ASN B 116 -10.53 -8.52 -19.72
N GLN B 117 -10.66 -7.51 -18.86
CA GLN B 117 -10.47 -6.13 -19.24
C GLN B 117 -9.24 -5.53 -18.57
N TYR B 118 -8.66 -4.55 -19.25
CA TYR B 118 -7.64 -3.71 -18.65
C TYR B 118 -8.30 -2.48 -18.06
N TYR B 119 -7.77 -2.02 -16.93
CA TYR B 119 -8.26 -0.85 -16.22
C TYR B 119 -7.13 0.14 -16.01
N THR B 120 -7.50 1.42 -15.92
CA THR B 120 -6.56 2.51 -15.70
C THR B 120 -7.06 3.36 -14.55
N ILE B 121 -6.17 3.71 -13.62
CA ILE B 121 -6.41 4.76 -12.65
C ILE B 121 -5.52 5.93 -13.02
N GLN B 122 -6.09 7.13 -13.05
CA GLN B 122 -5.36 8.36 -13.29
C GLN B 122 -5.69 9.32 -12.16
N ILE B 123 -4.67 9.93 -11.56
CA ILE B 123 -4.83 10.83 -10.43
C ILE B 123 -4.25 12.19 -10.82
N VAL B 124 -5.04 13.24 -10.65
CA VAL B 124 -4.58 14.59 -10.99
C VAL B 124 -4.67 15.43 -9.71
N THR B 125 -3.52 15.86 -9.20
CA THR B 125 -3.49 16.66 -7.98
C THR B 125 -4.06 18.05 -8.25
N PRO B 126 -4.37 18.81 -7.18
CA PRO B 126 -4.96 20.15 -7.38
C PRO B 126 -4.11 21.09 -8.21
N ASN B 127 -2.79 20.92 -8.23
CA ASN B 127 -1.93 21.73 -9.09
C ASN B 127 -1.67 21.09 -10.44
N GLY B 128 -2.35 20.00 -10.76
CA GLY B 128 -2.32 19.46 -12.11
C GLY B 128 -1.33 18.33 -12.35
N TYR B 129 -0.52 17.97 -11.36
CA TYR B 129 0.43 16.87 -11.57
C TYR B 129 -0.35 15.58 -11.76
N THR B 130 0.00 14.83 -12.81
CA THR B 130 -0.78 13.69 -13.26
C THR B 130 0.04 12.41 -13.18
N VAL B 131 -0.54 11.36 -12.62
CA VAL B 131 0.07 10.03 -12.62
C VAL B 131 -1.01 9.02 -13.01
N SER B 132 -0.59 7.94 -13.65
CA SER B 132 -1.53 6.90 -14.04
C SER B 132 -0.91 5.53 -13.84
N TYR B 133 -1.76 4.51 -13.80
CA TYR B 133 -1.32 3.13 -13.63
C TYR B 133 -2.33 2.23 -14.34
N MET B 134 -1.82 1.26 -15.10
CA MET B 134 -2.67 0.30 -15.82
C MET B 134 -2.50 -1.09 -15.27
N PHE B 135 -3.61 -1.78 -15.09
CA PHE B 135 -3.62 -3.15 -14.58
C PHE B 135 -4.81 -3.92 -15.13
#